data_6JEU
#
_entry.id   6JEU
#
_cell.length_a   39.852
_cell.length_b   39.852
_cell.length_c   187.692
_cell.angle_alpha   90.000
_cell.angle_beta   90.000
_cell.angle_gamma   120.000
#
_symmetry.space_group_name_H-M   'P 32'
#
loop_
_entity.id
_entity.type
_entity.pdbx_description
1 polymer 'Peptide deformylase'
2 non-polymer 'ZINC ION'
3 non-polymer '(3R)-3-benzyl-4-oxo-4-[(2-oxo-2-phenylethyl)sulfanyl]butanoic acid'
4 water water
#
_entity_poly.entity_id   1
_entity_poly.type   'polypeptide(L)'
_entity_poly.pdbx_seq_one_letter_code
;ALLPILSFPDPRLRTIAKPVEEVTDEIRQLAADMFETMYAAPGIGLAASQVDRHIQLIVMDLSESKDEPMVFINPKVTPL
TEETQPYEEGCLSVPQIYDKVDRPSRVKIEAINLEGQAFEIEADGLLAVCIQHEMDHLNGKLFVDYLSPLKRQRAREKVE
KIVRQREREK
;
_entity_poly.pdbx_strand_id   A,B
#
loop_
_chem_comp.id
_chem_comp.type
_chem_comp.name
_chem_comp.formula
K1U non-polymer '(3R)-3-benzyl-4-oxo-4-[(2-oxo-2-phenylethyl)sulfanyl]butanoic acid' 'C19 H18 O4 S'
ZN non-polymer 'ZINC ION' 'Zn 2'
#
# COMPACT_ATOMS: atom_id res chain seq x y z
N ALA A 1 17.42 13.43 -9.72
CA ALA A 1 16.98 13.17 -11.12
C ALA A 1 15.50 13.55 -11.35
N LEU A 2 14.60 12.98 -10.52
CA LEU A 2 13.14 13.19 -10.61
C LEU A 2 12.66 14.28 -9.67
N LEU A 3 11.45 14.84 -9.84
CA LEU A 3 10.95 15.85 -8.87
C LEU A 3 10.52 15.25 -7.53
N PRO A 4 10.87 15.93 -6.43
CA PRO A 4 10.41 15.45 -5.10
C PRO A 4 8.89 15.62 -4.91
N ILE A 5 8.23 14.60 -4.35
CA ILE A 5 6.78 14.58 -4.15
C ILE A 5 6.55 14.83 -2.68
N LEU A 6 5.75 15.84 -2.36
CA LEU A 6 5.44 16.14 -0.99
C LEU A 6 4.58 15.04 -0.44
N SER A 7 4.74 14.83 0.86
CA SER A 7 4.10 13.76 1.60
C SER A 7 3.19 14.33 2.71
N PHE A 8 1.98 13.82 2.79
CA PHE A 8 1.08 14.08 3.87
C PHE A 8 1.81 13.74 5.22
N PRO A 9 1.76 14.59 6.26
CA PRO A 9 0.88 15.78 6.38
C PRO A 9 1.52 17.14 6.06
N ASP A 10 2.42 17.19 5.08
CA ASP A 10 3.09 18.46 4.71
C ASP A 10 2.07 19.57 4.47
N PRO A 11 2.20 20.70 5.20
CA PRO A 11 1.17 21.73 5.03
C PRO A 11 1.10 22.35 3.60
N ARG A 12 2.14 22.24 2.82
CA ARG A 12 2.14 22.81 1.46
C ARG A 12 1.20 22.05 0.53
N LEU A 13 0.77 20.84 0.90
CA LEU A 13 -0.28 20.15 0.09
C LEU A 13 -1.64 20.81 0.22
N ARG A 14 -1.79 21.73 1.19
CA ARG A 14 -3.02 22.48 1.40
C ARG A 14 -3.14 23.78 0.63
N THR A 15 -2.09 24.16 -0.08
CA THR A 15 -2.07 25.37 -0.88
C THR A 15 -3.10 25.24 -2.02
N ILE A 16 -3.94 26.27 -2.18
CA ILE A 16 -4.87 26.40 -3.28
C ILE A 16 -4.05 26.89 -4.45
N ALA A 17 -4.10 26.20 -5.60
CA ALA A 17 -3.20 26.51 -6.75
C ALA A 17 -3.71 27.71 -7.57
N LYS A 18 -2.79 28.50 -8.10
CA LYS A 18 -3.15 29.59 -9.03
C LYS A 18 -3.28 29.09 -10.49
N PRO A 19 -4.22 29.69 -11.27
CA PRO A 19 -4.27 29.34 -12.70
C PRO A 19 -3.00 29.72 -13.42
N VAL A 20 -2.74 28.99 -14.48
CA VAL A 20 -1.56 29.15 -15.26
C VAL A 20 -1.86 30.30 -16.20
N GLU A 21 -0.90 31.20 -16.30
CA GLU A 21 -1.04 32.51 -16.95
C GLU A 21 -0.93 32.27 -18.46
N GLU A 22 0.19 31.71 -18.89
CA GLU A 22 0.35 31.23 -20.25
C GLU A 22 1.10 29.90 -20.27
N VAL A 23 0.81 29.09 -21.27
CA VAL A 23 1.50 27.84 -21.40
C VAL A 23 2.84 28.16 -22.03
N THR A 24 3.79 28.56 -21.17
CA THR A 24 5.16 28.88 -21.57
C THR A 24 5.93 27.59 -21.70
N ASP A 25 7.18 27.70 -22.16
CA ASP A 25 8.06 26.54 -22.28
C ASP A 25 8.50 25.97 -20.94
N GLU A 26 8.60 26.84 -19.94
CA GLU A 26 8.86 26.40 -18.57
C GLU A 26 7.70 25.54 -18.00
N ILE A 27 6.44 25.90 -18.27
CA ILE A 27 5.34 24.99 -17.84
C ILE A 27 5.37 23.69 -18.66
N ARG A 28 5.76 23.75 -19.94
CA ARG A 28 6.03 22.52 -20.74
C ARG A 28 7.12 21.56 -20.18
N GLN A 29 8.24 22.14 -19.71
CA GLN A 29 9.26 21.41 -19.02
C GLN A 29 8.77 20.80 -17.65
N LEU A 30 8.08 21.61 -16.86
CA LEU A 30 7.48 21.15 -15.60
C LEU A 30 6.55 19.97 -15.84
N ALA A 31 5.68 20.09 -16.86
CA ALA A 31 4.85 18.93 -17.26
C ALA A 31 5.64 17.70 -17.57
N ALA A 32 6.66 17.82 -18.42
CA ALA A 32 7.46 16.66 -18.76
C ALA A 32 8.20 16.10 -17.51
N ASP A 33 8.61 16.95 -16.56
CA ASP A 33 9.27 16.46 -15.33
C ASP A 33 8.24 15.71 -14.47
N MET A 34 7.03 16.27 -14.42
CA MET A 34 5.91 15.66 -13.70
C MET A 34 5.61 14.28 -14.24
N PHE A 35 5.51 14.14 -15.56
CA PHE A 35 5.30 12.83 -16.15
C PHE A 35 6.40 11.81 -15.76
N GLU A 36 7.65 12.22 -15.86
CA GLU A 36 8.76 11.33 -15.47
C GLU A 36 8.65 10.94 -14.01
N THR A 37 8.39 11.94 -13.16
CA THR A 37 8.20 11.67 -11.74
C THR A 37 7.06 10.68 -11.54
N MET A 38 5.93 10.92 -12.21
CA MET A 38 4.75 10.09 -12.04
C MET A 38 4.98 8.65 -12.56
N TYR A 39 5.57 8.55 -13.74
CA TYR A 39 5.85 7.21 -14.31
C TYR A 39 6.84 6.41 -13.45
N ALA A 40 7.75 7.11 -12.78
CA ALA A 40 8.76 6.44 -11.95
C ALA A 40 8.16 5.83 -10.67
N ALA A 41 7.12 6.44 -10.13
CA ALA A 41 6.66 6.09 -8.81
C ALA A 41 6.32 4.62 -8.62
N PRO A 42 5.51 3.97 -9.46
CA PRO A 42 4.73 4.56 -10.53
C PRO A 42 3.41 5.09 -10.02
N GLY A 43 2.84 6.06 -10.74
CA GLY A 43 1.42 6.41 -10.54
C GLY A 43 0.69 6.76 -11.81
N ILE A 44 -0.60 7.03 -11.70
CA ILE A 44 -1.41 7.36 -12.87
C ILE A 44 -1.84 8.81 -12.94
N GLY A 45 -1.60 9.61 -11.90
CA GLY A 45 -1.96 11.02 -11.87
C GLY A 45 -1.01 11.80 -10.95
N LEU A 46 -0.78 13.07 -11.27
CA LEU A 46 -0.03 13.93 -10.39
C LEU A 46 -0.40 15.34 -10.65
N ALA A 47 -0.64 16.11 -9.58
CA ALA A 47 -0.97 17.52 -9.67
C ALA A 47 0.27 18.32 -9.31
N ALA A 48 0.39 19.52 -9.85
CA ALA A 48 1.66 20.25 -9.69
C ALA A 48 1.89 20.60 -8.17
N SER A 49 0.79 20.78 -7.45
CA SER A 49 0.76 20.97 -6.00
C SER A 49 1.59 19.93 -5.24
N GLN A 50 1.56 18.70 -5.74
CA GLN A 50 2.29 17.60 -5.19
C GLN A 50 3.80 17.66 -5.29
N VAL A 51 4.30 18.39 -6.28
CA VAL A 51 5.73 18.66 -6.42
C VAL A 51 6.06 20.09 -5.98
N ASP A 52 5.17 20.69 -5.20
CA ASP A 52 5.39 22.02 -4.62
C ASP A 52 5.45 23.15 -5.66
N ARG A 53 4.60 23.02 -6.68
CA ARG A 53 4.43 24.04 -7.69
C ARG A 53 2.96 24.33 -7.74
N HIS A 54 2.56 25.41 -7.08
CA HIS A 54 1.18 25.69 -6.83
C HIS A 54 0.41 26.39 -7.96
N ILE A 55 0.34 25.65 -9.09
CA ILE A 55 -0.29 26.09 -10.34
C ILE A 55 -1.25 25.01 -10.84
N GLN A 56 -2.25 25.43 -11.61
CA GLN A 56 -3.32 24.51 -12.01
C GLN A 56 -2.89 23.68 -13.25
N LEU A 57 -2.10 22.65 -12.94
CA LEU A 57 -1.50 21.73 -13.85
C LEU A 57 -1.58 20.29 -13.29
N ILE A 58 -2.17 19.42 -14.08
CA ILE A 58 -2.29 18.00 -13.75
C ILE A 58 -1.78 17.16 -14.95
N VAL A 59 -0.96 16.15 -14.66
CA VAL A 59 -0.53 15.16 -15.68
C VAL A 59 -1.17 13.83 -15.26
N MET A 60 -1.41 12.99 -16.26
CA MET A 60 -2.20 11.78 -16.05
C MET A 60 -1.92 10.81 -17.20
N ASP A 61 -1.83 9.53 -16.86
CA ASP A 61 -1.77 8.44 -17.84
C ASP A 61 -2.46 7.25 -17.16
N LEU A 62 -3.67 6.96 -17.63
CA LEU A 62 -4.43 5.83 -17.16
C LEU A 62 -4.09 4.49 -17.83
N SER A 63 -3.16 4.46 -18.78
CA SER A 63 -2.85 3.21 -19.55
C SER A 63 -1.83 2.29 -18.89
N GLU A 64 -2.16 0.99 -18.86
CA GLU A 64 -1.21 -0.14 -18.67
C GLU A 64 0.12 0.10 -19.32
N SER A 65 0.10 0.63 -20.55
CA SER A 65 1.32 0.72 -21.36
C SER A 65 2.14 1.91 -21.08
N LYS A 66 1.65 2.80 -20.20
CA LYS A 66 2.28 4.08 -19.91
C LYS A 66 2.52 4.87 -21.17
N ASP A 67 1.56 4.86 -22.07
CA ASP A 67 1.78 5.57 -23.34
C ASP A 67 0.56 6.37 -23.84
N GLU A 68 -0.34 6.75 -22.91
CA GLU A 68 -1.46 7.64 -23.21
C GLU A 68 -1.44 8.86 -22.31
N PRO A 69 -0.38 9.68 -22.40
CA PRO A 69 -0.29 10.86 -21.52
C PRO A 69 -1.41 11.93 -21.76
N MET A 70 -1.91 12.58 -20.69
CA MET A 70 -2.92 13.65 -20.80
C MET A 70 -2.49 14.76 -19.89
N VAL A 71 -2.67 16.01 -20.33
CA VAL A 71 -2.49 17.21 -19.56
C VAL A 71 -3.76 18.03 -19.40
N PHE A 72 -3.96 18.53 -18.17
CA PHE A 72 -5.09 19.39 -17.88
C PHE A 72 -4.50 20.63 -17.21
N ILE A 73 -4.68 21.77 -17.86
CA ILE A 73 -4.29 23.05 -17.33
C ILE A 73 -5.54 23.89 -17.15
N ASN A 74 -5.59 24.55 -15.98
CA ASN A 74 -6.76 25.32 -15.54
C ASN A 74 -8.08 24.59 -15.69
N PRO A 75 -8.15 23.38 -15.15
CA PRO A 75 -9.36 22.60 -15.42
C PRO A 75 -10.58 23.02 -14.58
N LYS A 76 -11.75 22.87 -15.18
CA LYS A 76 -13.00 22.96 -14.49
C LYS A 76 -13.69 21.68 -14.68
N VAL A 77 -14.15 21.16 -13.58
CA VAL A 77 -14.74 19.85 -13.52
C VAL A 77 -16.16 20.02 -12.97
N THR A 78 -17.15 19.59 -13.73
CA THR A 78 -18.52 19.69 -13.27
C THR A 78 -19.27 18.34 -13.30
N PRO A 79 -19.81 17.91 -12.15
CA PRO A 79 -20.55 16.66 -12.14
C PRO A 79 -21.75 16.72 -13.07
N LEU A 80 -22.04 15.62 -13.74
CA LEU A 80 -23.21 15.49 -14.62
C LEU A 80 -24.36 14.69 -13.99
N THR A 81 -24.25 14.39 -12.70
CA THR A 81 -25.15 13.51 -12.01
C THR A 81 -24.81 13.50 -10.55
N GLU A 82 -25.77 13.04 -9.74
CA GLU A 82 -25.55 12.81 -8.33
C GLU A 82 -25.27 11.34 -8.05
N GLU A 83 -25.28 10.49 -9.06
CA GLU A 83 -24.81 9.10 -8.86
C GLU A 83 -23.29 9.09 -8.54
N THR A 84 -22.91 8.39 -7.48
CA THR A 84 -21.51 8.21 -7.15
C THR A 84 -21.15 6.78 -7.47
N GLN A 85 -19.86 6.53 -7.55
CA GLN A 85 -19.30 5.21 -7.79
C GLN A 85 -18.18 5.06 -6.75
N PRO A 86 -18.08 3.91 -6.10
CA PRO A 86 -16.95 3.79 -5.16
C PRO A 86 -15.68 3.41 -5.89
N TYR A 87 -14.56 3.91 -5.43
CA TYR A 87 -13.31 3.49 -5.97
C TYR A 87 -12.25 3.55 -4.88
N GLU A 88 -11.32 2.60 -4.94
CA GLU A 88 -10.24 2.47 -3.96
C GLU A 88 -9.13 3.39 -4.49
N GLU A 89 -8.96 4.54 -3.84
CA GLU A 89 -8.01 5.55 -4.29
C GLU A 89 -6.71 5.43 -3.52
N GLY A 90 -5.63 5.66 -4.24
CA GLY A 90 -4.35 6.02 -3.66
C GLY A 90 -3.87 7.37 -4.21
N CYS A 91 -2.63 7.67 -3.85
CA CYS A 91 -2.06 9.00 -3.98
C CYS A 91 -0.56 8.95 -3.70
N LEU A 92 0.25 9.51 -4.61
CA LEU A 92 1.67 9.52 -4.41
C LEU A 92 2.02 10.41 -3.24
N SER A 93 1.15 11.32 -2.83
CA SER A 93 1.38 12.14 -1.63
C SER A 93 0.91 11.50 -0.31
N VAL A 94 0.33 10.31 -0.42
CA VAL A 94 -0.04 9.48 0.75
C VAL A 94 0.46 8.08 0.42
N PRO A 95 1.79 7.93 0.34
CA PRO A 95 2.36 6.75 -0.31
C PRO A 95 2.00 5.42 0.33
N GLN A 96 1.60 4.49 -0.55
CA GLN A 96 1.20 3.12 -0.16
C GLN A 96 -0.08 3.05 0.66
N ILE A 97 -0.91 4.08 0.70
CA ILE A 97 -2.17 4.07 1.49
C ILE A 97 -3.31 4.10 0.49
N TYR A 98 -4.26 3.18 0.63
CA TYR A 98 -5.43 3.10 -0.24
C TYR A 98 -6.73 2.90 0.52
N ASP A 99 -7.78 3.62 0.13
CA ASP A 99 -9.12 3.39 0.70
C ASP A 99 -10.20 3.85 -0.26
N LYS A 100 -11.45 3.54 0.09
CA LYS A 100 -12.60 3.82 -0.77
C LYS A 100 -13.12 5.26 -0.63
N VAL A 101 -13.35 5.93 -1.75
CA VAL A 101 -14.02 7.26 -1.80
C VAL A 101 -15.14 7.15 -2.83
N ASP A 102 -16.24 7.83 -2.57
CA ASP A 102 -17.42 7.85 -3.46
C ASP A 102 -17.47 9.27 -4.02
N ARG A 103 -17.32 9.35 -5.32
CA ARG A 103 -17.37 10.59 -6.04
C ARG A 103 -18.39 10.45 -7.15
N PRO A 104 -19.00 11.57 -7.60
CA PRO A 104 -19.85 11.64 -8.77
C PRO A 104 -19.29 10.82 -9.88
N SER A 105 -20.12 10.00 -10.52
CA SER A 105 -19.63 9.01 -11.48
C SER A 105 -19.45 9.55 -12.88
N ARG A 106 -19.91 10.75 -13.18
CA ARG A 106 -19.74 11.36 -14.53
C ARG A 106 -19.53 12.82 -14.43
N VAL A 107 -18.55 13.31 -15.18
CA VAL A 107 -18.18 14.73 -15.06
C VAL A 107 -17.83 15.29 -16.42
N LYS A 108 -17.98 16.60 -16.56
CA LYS A 108 -17.53 17.28 -17.74
C LYS A 108 -16.22 17.87 -17.34
N ILE A 109 -15.22 17.75 -18.20
CA ILE A 109 -13.96 18.36 -17.90
C ILE A 109 -13.74 19.39 -18.97
N GLU A 110 -13.42 20.65 -18.60
CA GLU A 110 -12.92 21.69 -19.51
C GLU A 110 -11.58 22.19 -19.04
N ALA A 111 -10.59 22.18 -19.92
CA ALA A 111 -9.23 22.53 -19.55
C ALA A 111 -8.48 22.92 -20.80
N ILE A 112 -7.22 23.32 -20.65
CA ILE A 112 -6.37 23.57 -21.80
C ILE A 112 -5.21 22.61 -21.83
N ASN A 113 -4.70 22.36 -23.04
CA ASN A 113 -3.63 21.43 -23.22
C ASN A 113 -2.29 22.18 -23.27
N LEU A 114 -1.20 21.48 -23.52
CA LEU A 114 0.14 22.11 -23.57
C LEU A 114 0.41 23.00 -24.79
N GLU A 115 -0.49 23.01 -25.77
CA GLU A 115 -0.42 23.98 -26.86
C GLU A 115 -1.31 25.19 -26.64
N GLY A 116 -1.86 25.37 -25.43
CA GLY A 116 -2.82 26.44 -25.19
C GLY A 116 -4.21 26.26 -25.81
N GLN A 117 -4.53 25.08 -26.32
CA GLN A 117 -5.89 24.77 -26.81
C GLN A 117 -6.87 24.29 -25.74
N ALA A 118 -8.04 24.93 -25.73
CA ALA A 118 -9.13 24.57 -24.83
C ALA A 118 -9.84 23.32 -25.34
N PHE A 119 -10.40 22.55 -24.42
CA PHE A 119 -11.08 21.33 -24.79
C PHE A 119 -12.12 21.03 -23.75
N GLU A 120 -13.08 20.22 -24.13
CA GLU A 120 -14.18 19.88 -23.25
C GLU A 120 -14.52 18.45 -23.58
N ILE A 121 -14.47 17.58 -22.59
CA ILE A 121 -14.79 16.20 -22.76
C ILE A 121 -15.62 15.84 -21.56
N GLU A 122 -16.31 14.72 -21.69
CA GLU A 122 -17.12 14.18 -20.64
C GLU A 122 -16.45 12.89 -20.24
N ALA A 123 -16.48 12.58 -18.96
CA ALA A 123 -15.75 11.42 -18.50
C ALA A 123 -16.51 10.64 -17.47
N ASP A 124 -16.19 9.36 -17.45
CA ASP A 124 -16.76 8.38 -16.52
C ASP A 124 -15.63 7.46 -16.12
N GLY A 125 -15.96 6.39 -15.38
CA GLY A 125 -14.99 5.39 -15.02
C GLY A 125 -13.81 6.04 -14.28
N LEU A 126 -12.65 5.51 -14.61
CA LEU A 126 -11.44 5.81 -13.95
C LEU A 126 -11.06 7.25 -14.19
N LEU A 127 -11.33 7.77 -15.39
CA LEU A 127 -11.06 9.19 -15.71
C LEU A 127 -11.79 10.16 -14.77
N ALA A 128 -13.07 9.96 -14.54
CA ALA A 128 -13.81 10.83 -13.65
C ALA A 128 -13.30 10.75 -12.22
N VAL A 129 -12.89 9.56 -11.81
CA VAL A 129 -12.37 9.38 -10.43
C VAL A 129 -11.07 10.18 -10.34
N CYS A 130 -10.21 10.02 -11.35
CA CYS A 130 -8.84 10.53 -11.23
C CYS A 130 -8.79 12.05 -11.40
N ILE A 131 -9.60 12.59 -12.34
CA ILE A 131 -9.65 14.04 -12.53
C ILE A 131 -10.23 14.77 -11.28
N GLN A 132 -11.19 14.16 -10.60
CA GLN A 132 -11.73 14.74 -9.36
C GLN A 132 -10.72 14.73 -8.22
N HIS A 133 -10.01 13.61 -8.11
CA HIS A 133 -8.92 13.44 -7.14
C HIS A 133 -7.84 14.51 -7.42
N GLU A 134 -7.42 14.65 -8.69
CA GLU A 134 -6.36 15.64 -9.00
C GLU A 134 -6.81 17.09 -8.90
N MET A 135 -8.05 17.37 -9.29
CA MET A 135 -8.64 18.69 -9.01
C MET A 135 -8.63 19.01 -7.51
N ASP A 136 -9.00 18.04 -6.69
CA ASP A 136 -8.93 18.24 -5.23
C ASP A 136 -7.54 18.72 -4.74
N HIS A 137 -6.43 18.16 -5.26
CA HIS A 137 -5.08 18.71 -4.95
C HIS A 137 -4.85 20.18 -5.18
N LEU A 138 -5.41 20.63 -6.31
CA LEU A 138 -5.47 21.98 -6.72
C LEU A 138 -6.21 22.95 -5.76
N ASN A 139 -7.12 22.42 -4.97
CA ASN A 139 -7.83 23.15 -3.96
C ASN A 139 -7.36 22.77 -2.55
N GLY A 140 -6.17 22.17 -2.45
CA GLY A 140 -5.51 21.87 -1.21
C GLY A 140 -6.10 20.69 -0.48
N LYS A 141 -6.80 19.80 -1.19
CA LYS A 141 -7.49 18.66 -0.57
C LYS A 141 -6.88 17.32 -0.94
N LEU A 142 -6.86 16.40 0.04
CA LEU A 142 -6.41 15.07 -0.17
C LEU A 142 -7.53 14.11 0.02
N PHE A 143 -7.37 12.91 -0.54
CA PHE A 143 -8.41 11.88 -0.53
C PHE A 143 -8.66 11.36 0.91
N VAL A 144 -7.62 11.43 1.75
CA VAL A 144 -7.75 11.19 3.19
C VAL A 144 -8.70 12.13 3.93
N ASP A 145 -8.95 13.33 3.38
CA ASP A 145 -9.96 14.26 3.98
C ASP A 145 -11.42 13.77 4.04
N TYR A 146 -11.74 12.79 3.18
CA TYR A 146 -13.02 12.10 3.13
C TYR A 146 -13.07 10.79 3.97
N LEU A 147 -12.00 10.41 4.69
CA LEU A 147 -12.02 9.22 5.55
C LEU A 147 -12.26 9.68 6.98
N SER A 148 -12.62 8.73 7.85
CA SER A 148 -12.89 9.04 9.24
C SER A 148 -11.57 9.49 9.84
N PRO A 149 -11.60 10.30 10.92
CA PRO A 149 -10.34 10.85 11.44
C PRO A 149 -9.38 9.79 12.03
N LEU A 150 -9.86 8.59 12.36
CA LEU A 150 -8.95 7.50 12.80
C LEU A 150 -8.26 6.83 11.62
N LYS A 151 -8.91 6.81 10.46
CA LYS A 151 -8.22 6.41 9.21
C LYS A 151 -7.14 7.42 8.80
N ARG A 152 -7.45 8.70 8.99
CA ARG A 152 -6.55 9.80 8.67
C ARG A 152 -5.29 9.70 9.50
N GLN A 153 -5.46 9.61 10.82
CA GLN A 153 -4.35 9.51 11.81
C GLN A 153 -3.40 8.33 11.61
N ARG A 154 -4.00 7.18 11.32
CA ARG A 154 -3.31 5.94 10.98
C ARG A 154 -2.58 6.03 9.67
N ALA A 155 -3.23 6.62 8.65
CA ALA A 155 -2.57 7.00 7.40
C ALA A 155 -1.31 7.86 7.65
N ARG A 156 -1.45 8.98 8.38
CA ARG A 156 -0.36 9.82 8.83
C ARG A 156 0.84 9.14 9.56
N GLU A 157 0.53 8.32 10.55
CA GLU A 157 1.54 7.53 11.25
C GLU A 157 2.19 6.51 10.34
N LYS A 158 1.41 5.81 9.54
CA LYS A 158 1.99 4.92 8.54
C LYS A 158 2.88 5.68 7.52
N VAL A 159 2.39 6.78 6.96
CA VAL A 159 3.17 7.52 5.96
C VAL A 159 4.48 8.04 6.57
N GLU A 160 4.45 8.50 7.81
CA GLU A 160 5.71 8.99 8.41
C GLU A 160 6.72 7.84 8.52
N LYS A 161 6.24 6.65 8.82
CA LYS A 161 7.10 5.43 8.78
C LYS A 161 7.67 5.12 7.38
N ILE A 162 6.83 5.18 6.35
CA ILE A 162 7.29 4.95 4.98
C ILE A 162 8.32 5.98 4.58
N VAL A 163 8.12 7.25 4.93
CA VAL A 163 9.04 8.30 4.52
C VAL A 163 10.42 8.12 5.20
N ARG A 164 10.38 7.80 6.46
CA ARG A 164 11.60 7.49 7.20
C ARG A 164 12.37 6.32 6.60
N GLN A 165 11.64 5.26 6.20
CA GLN A 165 12.31 4.12 5.57
C GLN A 165 12.88 4.48 4.24
N ARG A 166 12.17 5.32 3.52
CA ARG A 166 12.69 5.78 2.20
C ARG A 166 14.02 6.61 2.40
N GLU A 167 14.07 7.42 3.44
CA GLU A 167 15.32 8.15 3.78
C GLU A 167 16.45 7.21 4.14
N ARG A 168 16.14 6.28 5.02
CA ARG A 168 17.05 5.23 5.38
C ARG A 168 17.61 4.37 4.19
N GLU A 169 16.77 4.06 3.21
CA GLU A 169 17.16 3.38 1.97
C GLU A 169 18.12 4.21 1.10
N LYS A 170 18.03 5.53 1.23
CA LYS A 170 19.06 6.40 0.74
C LYS A 170 20.43 6.33 1.48
N ALA B 1 15.37 -25.27 -4.37
CA ALA B 1 13.97 -25.69 -4.69
C ALA B 1 12.93 -24.67 -4.16
N LEU B 2 12.98 -24.41 -2.84
CA LEU B 2 11.99 -23.59 -2.10
C LEU B 2 12.51 -22.18 -1.88
N LEU B 3 11.64 -21.20 -1.54
CA LEU B 3 12.13 -19.81 -1.28
C LEU B 3 12.85 -19.69 0.06
N PRO B 4 13.94 -18.93 0.10
CA PRO B 4 14.66 -18.72 1.38
C PRO B 4 13.87 -17.77 2.30
N ILE B 5 13.80 -18.09 3.58
CA ILE B 5 13.05 -17.32 4.58
C ILE B 5 14.06 -16.54 5.37
N LEU B 6 13.86 -15.23 5.44
CA LEU B 6 14.71 -14.36 6.23
C LEU B 6 14.51 -14.68 7.68
N SER B 7 15.59 -14.50 8.41
CA SER B 7 15.71 -14.81 9.80
C SER B 7 16.01 -13.57 10.62
N PHE B 8 15.28 -13.39 11.69
CA PHE B 8 15.55 -12.37 12.69
C PHE B 8 17.02 -12.56 13.17
N PRO B 9 17.85 -11.51 13.27
CA PRO B 9 17.46 -10.08 13.21
C PRO B 9 17.66 -9.37 11.84
N ASP B 10 17.45 -10.08 10.74
CA ASP B 10 17.69 -9.48 9.41
C ASP B 10 16.92 -8.17 9.22
N PRO B 11 17.65 -7.07 8.88
CA PRO B 11 16.94 -5.78 8.84
C PRO B 11 15.83 -5.71 7.76
N ARG B 12 15.90 -6.55 6.76
CA ARG B 12 14.87 -6.54 5.72
C ARG B 12 13.52 -7.02 6.22
N LEU B 13 13.47 -7.71 7.38
CA LEU B 13 12.13 -8.02 7.97
C LEU B 13 11.41 -6.79 8.48
N ARG B 14 12.12 -5.66 8.56
CA ARG B 14 11.54 -4.39 8.99
C ARG B 14 10.93 -3.54 7.88
N THR B 15 11.05 -3.98 6.64
CA THR B 15 10.51 -3.24 5.50
C THR B 15 8.97 -3.22 5.59
N ILE B 16 8.38 -2.03 5.35
CA ILE B 16 6.94 -1.85 5.25
C ILE B 16 6.61 -2.28 3.85
N ALA B 17 5.65 -3.20 3.65
CA ALA B 17 5.41 -3.76 2.30
C ALA B 17 4.53 -2.83 1.46
N LYS B 18 4.76 -2.80 0.17
CA LYS B 18 3.89 -2.03 -0.75
C LYS B 18 2.67 -2.88 -1.20
N PRO B 19 1.50 -2.22 -1.39
CA PRO B 19 0.35 -2.94 -1.97
C PRO B 19 0.62 -3.47 -3.35
N VAL B 20 -0.09 -4.54 -3.67
CA VAL B 20 0.08 -5.23 -4.90
C VAL B 20 -0.75 -4.48 -5.92
N GLU B 21 -0.12 -4.20 -7.06
CA GLU B 21 -0.67 -3.37 -8.14
C GLU B 21 -1.85 -4.08 -8.80
N GLU B 22 -1.57 -5.23 -9.40
CA GLU B 22 -2.58 -6.08 -9.95
C GLU B 22 -2.15 -7.52 -9.68
N VAL B 23 -3.13 -8.40 -9.61
CA VAL B 23 -2.82 -9.77 -9.38
C VAL B 23 -2.45 -10.34 -10.73
N THR B 24 -1.17 -10.17 -11.07
CA THR B 24 -0.57 -10.72 -12.28
C THR B 24 -0.23 -12.18 -12.06
N ASP B 25 0.22 -12.84 -13.12
CA ASP B 25 0.63 -14.23 -13.02
C ASP B 25 1.92 -14.43 -12.25
N GLU B 26 2.78 -13.40 -12.24
CA GLU B 26 3.98 -13.45 -11.40
C GLU B 26 3.59 -13.42 -9.90
N ILE B 27 2.60 -12.61 -9.50
CA ILE B 27 2.15 -12.69 -8.08
C ILE B 27 1.52 -14.06 -7.81
N ARG B 28 0.80 -14.64 -8.78
CA ARG B 28 0.29 -16.05 -8.67
C ARG B 28 1.37 -17.14 -8.45
N GLN B 29 2.47 -17.05 -9.22
CA GLN B 29 3.61 -17.92 -9.04
C GLN B 29 4.28 -17.71 -7.65
N LEU B 30 4.46 -16.46 -7.26
CA LEU B 30 5.08 -16.13 -5.98
C LEU B 30 4.23 -16.71 -4.87
N ALA B 31 2.89 -16.60 -4.99
CA ALA B 31 2.00 -17.23 -3.98
C ALA B 31 2.21 -18.71 -3.93
N ALA B 32 2.26 -19.35 -5.09
CA ALA B 32 2.44 -20.78 -5.13
C ALA B 32 3.80 -21.18 -4.53
N ASP B 33 4.87 -20.38 -4.73
CA ASP B 33 6.19 -20.70 -4.14
C ASP B 33 6.13 -20.54 -2.60
N MET B 34 5.39 -19.50 -2.18
CA MET B 34 5.19 -19.23 -0.75
C MET B 34 4.50 -20.37 -0.09
N PHE B 35 3.41 -20.86 -0.66
CA PHE B 35 2.76 -22.04 -0.12
C PHE B 35 3.72 -23.25 0.00
N GLU B 36 4.48 -23.54 -1.04
CA GLU B 36 5.47 -24.67 -0.95
C GLU B 36 6.46 -24.45 0.19
N THR B 37 7.02 -23.23 0.22
CA THR B 37 7.96 -22.88 1.27
C THR B 37 7.30 -23.09 2.63
N MET B 38 6.06 -22.61 2.79
CA MET B 38 5.40 -22.66 4.07
C MET B 38 5.08 -24.09 4.49
N TYR B 39 4.53 -24.86 3.55
CA TYR B 39 4.21 -26.29 3.84
C TYR B 39 5.47 -27.12 4.16
N ALA B 40 6.60 -26.76 3.56
CA ALA B 40 7.84 -27.51 3.77
C ALA B 40 8.42 -27.28 5.16
N ALA B 41 8.15 -26.13 5.77
CA ALA B 41 8.82 -25.76 6.99
C ALA B 41 8.64 -26.72 8.16
N PRO B 42 7.44 -27.14 8.54
CA PRO B 42 6.17 -26.61 8.08
C PRO B 42 5.78 -25.37 8.88
N GLY B 43 4.95 -24.52 8.28
CA GLY B 43 4.24 -23.48 9.05
C GLY B 43 2.80 -23.29 8.60
N ILE B 44 2.06 -22.42 9.27
CA ILE B 44 0.67 -22.19 8.96
C ILE B 44 0.42 -20.84 8.32
N GLY B 45 1.46 -19.99 8.22
CA GLY B 45 1.34 -18.64 7.70
C GLY B 45 2.68 -18.12 7.18
N LEU B 46 2.66 -17.30 6.13
CA LEU B 46 3.88 -16.71 5.64
C LEU B 46 3.51 -15.44 4.91
N ALA B 47 4.21 -14.36 5.21
CA ALA B 47 4.01 -13.07 4.55
C ALA B 47 5.13 -12.90 3.53
N ALA B 48 4.87 -12.17 2.47
CA ALA B 48 5.85 -12.15 1.36
C ALA B 48 7.20 -11.47 1.85
N SER B 49 7.06 -10.54 2.78
CA SER B 49 8.14 -9.89 3.52
C SER B 49 9.22 -10.85 4.00
N GLN B 50 8.75 -11.99 4.49
CA GLN B 50 9.58 -13.06 4.98
C GLN B 50 10.45 -13.82 3.95
N VAL B 51 10.06 -13.75 2.67
CA VAL B 51 10.88 -14.26 1.57
C VAL B 51 11.51 -13.12 0.76
N ASP B 52 11.60 -11.95 1.39
CA ASP B 52 12.24 -10.77 0.81
C ASP B 52 11.55 -10.19 -0.42
N ARG B 53 10.23 -10.26 -0.42
CA ARG B 53 9.40 -9.68 -1.45
C ARG B 53 8.45 -8.75 -0.75
N HIS B 54 8.77 -7.47 -0.77
CA HIS B 54 8.09 -6.49 0.03
C HIS B 54 6.74 -5.95 -0.51
N ILE B 55 5.79 -6.89 -0.67
CA ILE B 55 4.45 -6.65 -1.18
C ILE B 55 3.38 -7.23 -0.25
N GLN B 56 2.18 -6.69 -0.32
CA GLN B 56 1.16 -7.06 0.62
C GLN B 56 0.41 -8.36 0.18
N LEU B 57 1.11 -9.45 0.46
CA LEU B 57 0.73 -10.80 0.14
C LEU B 57 1.04 -11.73 1.32
N ILE B 58 0.02 -12.42 1.76
CA ILE B 58 0.08 -13.41 2.83
C ILE B 58 -0.58 -14.74 2.34
N VAL B 59 0.11 -15.87 2.55
CA VAL B 59 -0.44 -17.21 2.33
C VAL B 59 -0.59 -17.84 3.71
N MET B 60 -1.57 -18.73 3.79
CA MET B 60 -1.99 -19.27 5.07
C MET B 60 -2.73 -20.59 4.87
N ASP B 61 -2.47 -21.54 5.75
CA ASP B 61 -3.26 -22.80 5.81
C ASP B 61 -3.26 -23.22 7.29
N LEU B 62 -4.41 -23.09 7.90
CA LEU B 62 -4.60 -23.47 9.28
C LEU B 62 -4.98 -24.94 9.48
N SER B 63 -5.11 -25.73 8.42
CA SER B 63 -5.60 -27.15 8.56
C SER B 63 -4.48 -28.15 8.80
N GLU B 64 -4.76 -29.09 9.73
CA GLU B 64 -4.01 -30.37 9.90
C GLU B 64 -3.66 -30.99 8.58
N SER B 65 -4.60 -31.03 7.64
CA SER B 65 -4.44 -31.78 6.40
C SER B 65 -3.64 -31.06 5.36
N LYS B 66 -3.29 -29.80 5.60
CA LYS B 66 -2.57 -28.97 4.64
C LYS B 66 -3.31 -28.86 3.34
N ASP B 67 -4.62 -28.72 3.42
CA ASP B 67 -5.42 -28.63 2.19
C ASP B 67 -6.57 -27.60 2.29
N GLU B 68 -6.37 -26.54 3.11
CA GLU B 68 -7.27 -25.37 3.14
C GLU B 68 -6.46 -24.09 2.92
N PRO B 69 -5.81 -23.96 1.76
CA PRO B 69 -5.03 -22.73 1.49
C PRO B 69 -5.90 -21.43 1.42
N MET B 70 -5.38 -20.33 1.97
CA MET B 70 -5.98 -19.00 1.87
C MET B 70 -4.93 -18.01 1.45
N VAL B 71 -5.33 -17.05 0.61
CA VAL B 71 -4.54 -15.90 0.21
C VAL B 71 -5.18 -14.58 0.58
N PHE B 72 -4.36 -13.67 1.12
CA PHE B 72 -4.78 -12.34 1.44
C PHE B 72 -3.82 -11.39 0.72
N ILE B 73 -4.38 -10.58 -0.17
CA ILE B 73 -3.65 -9.54 -0.85
C ILE B 73 -4.25 -8.21 -0.46
N ASN B 74 -3.33 -7.26 -0.20
CA ASN B 74 -3.67 -5.93 0.30
C ASN B 74 -4.67 -5.93 1.44
N PRO B 75 -4.39 -6.68 2.51
CA PRO B 75 -5.42 -6.83 3.52
C PRO B 75 -5.54 -5.64 4.50
N LYS B 76 -6.75 -5.45 4.97
CA LYS B 76 -7.05 -4.54 6.02
C LYS B 76 -7.68 -5.33 7.08
N VAL B 77 -7.15 -5.17 8.27
CA VAL B 77 -7.58 -5.94 9.42
C VAL B 77 -8.05 -4.94 10.48
N THR B 78 -9.29 -5.03 10.92
CA THR B 78 -9.78 -4.14 11.98
C THR B 78 -10.36 -4.89 13.19
N PRO B 79 -9.84 -4.62 14.41
CA PRO B 79 -10.40 -5.30 15.59
C PRO B 79 -11.87 -5.00 15.78
N LEU B 80 -12.62 -5.98 16.27
CA LEU B 80 -14.07 -5.85 16.53
C LEU B 80 -14.43 -5.83 18.02
N THR B 81 -13.43 -5.58 18.86
CA THR B 81 -13.55 -5.71 20.29
C THR B 81 -12.22 -5.35 20.92
N GLU B 82 -12.25 -5.13 22.22
CA GLU B 82 -11.03 -4.91 23.00
C GLU B 82 -10.62 -6.18 23.72
N GLU B 83 -11.49 -7.20 23.74
CA GLU B 83 -11.09 -8.48 24.33
C GLU B 83 -9.88 -9.03 23.54
N THR B 84 -8.87 -9.48 24.29
CA THR B 84 -7.72 -10.12 23.71
C THR B 84 -7.80 -11.56 24.14
N GLN B 85 -7.02 -12.39 23.47
CA GLN B 85 -6.94 -13.83 23.73
C GLN B 85 -5.43 -14.10 23.71
N PRO B 86 -4.93 -14.88 24.66
CA PRO B 86 -3.50 -15.19 24.57
C PRO B 86 -3.27 -16.35 23.63
N TYR B 87 -2.16 -16.32 22.93
CA TYR B 87 -1.77 -17.41 22.10
C TYR B 87 -0.26 -17.50 22.06
N GLU B 88 0.24 -18.72 22.05
CA GLU B 88 1.65 -19.02 21.98
C GLU B 88 1.98 -18.96 20.47
N GLU B 89 2.62 -17.88 20.03
CA GLU B 89 2.93 -17.69 18.62
C GLU B 89 4.35 -18.14 18.35
N GLY B 90 4.52 -18.75 17.18
CA GLY B 90 5.80 -18.86 16.52
C GLY B 90 5.79 -18.17 15.16
N CYS B 91 6.88 -18.39 14.44
CA CYS B 91 7.21 -17.61 13.24
C CYS B 91 8.37 -18.28 12.48
N LEU B 92 8.21 -18.52 11.18
CA LEU B 92 9.28 -19.14 10.43
C LEU B 92 10.47 -18.20 10.35
N SER B 93 10.25 -16.91 10.56
CA SER B 93 11.35 -15.93 10.62
C SER B 93 12.02 -15.78 12.00
N VAL B 94 11.48 -16.49 12.99
CA VAL B 94 12.14 -16.61 14.30
C VAL B 94 12.17 -18.08 14.61
N PRO B 95 12.95 -18.85 13.85
CA PRO B 95 12.75 -20.30 13.85
C PRO B 95 12.90 -21.00 15.21
N GLN B 96 11.90 -21.85 15.50
CA GLN B 96 11.85 -22.68 16.70
C GLN B 96 11.69 -21.89 18.00
N ILE B 97 11.24 -20.64 17.96
CA ILE B 97 11.05 -19.79 19.17
C ILE B 97 9.54 -19.56 19.30
N TYR B 98 8.98 -19.90 20.46
CA TYR B 98 7.54 -19.69 20.72
C TYR B 98 7.30 -18.92 22.01
N ASP B 99 6.35 -17.98 22.02
CA ASP B 99 5.96 -17.29 23.25
C ASP B 99 4.58 -16.70 23.14
N LYS B 100 4.06 -16.25 24.28
CA LYS B 100 2.68 -15.75 24.37
C LYS B 100 2.55 -14.28 23.91
N VAL B 101 1.57 -14.03 23.04
CA VAL B 101 1.16 -12.65 22.65
C VAL B 101 -0.37 -12.53 22.84
N ASP B 102 -0.81 -11.33 23.22
CA ASP B 102 -2.23 -11.04 23.48
C ASP B 102 -2.62 -10.05 22.40
N ARG B 103 -3.54 -10.50 21.56
CA ARG B 103 -4.06 -9.72 20.45
C ARG B 103 -5.59 -9.77 20.55
N PRO B 104 -6.27 -8.70 20.05
CA PRO B 104 -7.71 -8.63 19.86
C PRO B 104 -8.26 -9.93 19.36
N SER B 105 -9.28 -10.47 20.04
CA SER B 105 -9.76 -11.81 19.74
C SER B 105 -10.68 -11.92 18.53
N ARG B 106 -11.15 -10.81 17.99
CA ARG B 106 -12.09 -10.81 16.83
C ARG B 106 -11.76 -9.68 15.89
N VAL B 107 -11.64 -9.99 14.62
CA VAL B 107 -11.23 -8.97 13.64
C VAL B 107 -12.04 -9.09 12.36
N LYS B 108 -12.14 -8.00 11.62
CA LYS B 108 -12.72 -8.06 10.32
C LYS B 108 -11.55 -8.11 9.40
N ILE B 109 -11.60 -8.97 8.39
CA ILE B 109 -10.52 -8.95 7.40
C ILE B 109 -11.15 -8.56 6.09
N GLU B 110 -10.61 -7.55 5.38
CA GLU B 110 -10.91 -7.27 3.97
C GLU B 110 -9.67 -7.37 3.14
N ALA B 111 -9.71 -8.16 2.08
CA ALA B 111 -8.54 -8.39 1.23
C ALA B 111 -9.01 -8.82 -0.14
N ILE B 112 -8.07 -9.02 -1.05
CA ILE B 112 -8.36 -9.64 -2.34
C ILE B 112 -7.70 -10.99 -2.48
N ASN B 113 -8.29 -11.82 -3.32
CA ASN B 113 -7.80 -13.15 -3.56
C ASN B 113 -6.94 -13.21 -4.82
N LEU B 114 -6.49 -14.39 -5.23
CA LEU B 114 -5.67 -14.55 -6.44
C LEU B 114 -6.38 -14.34 -7.79
N GLU B 115 -7.70 -14.22 -7.77
CA GLU B 115 -8.46 -13.83 -8.96
C GLU B 115 -8.75 -12.34 -9.01
N GLY B 116 -8.17 -11.56 -8.09
CA GLY B 116 -8.50 -10.15 -7.98
C GLY B 116 -9.89 -9.82 -7.42
N GLN B 117 -10.58 -10.78 -6.80
CA GLN B 117 -11.83 -10.51 -6.09
C GLN B 117 -11.65 -10.04 -4.65
N ALA B 118 -12.38 -9.00 -4.29
CA ALA B 118 -12.38 -8.50 -2.92
C ALA B 118 -13.28 -9.36 -2.06
N PHE B 119 -12.97 -9.45 -0.78
CA PHE B 119 -13.79 -10.22 0.14
C PHE B 119 -13.67 -9.61 1.48
N GLU B 120 -14.60 -9.96 2.34
CA GLU B 120 -14.67 -9.40 3.67
C GLU B 120 -15.21 -10.50 4.54
N ILE B 121 -14.46 -10.89 5.56
CA ILE B 121 -14.89 -11.94 6.44
C ILE B 121 -14.56 -11.48 7.84
N GLU B 122 -15.17 -12.16 8.79
CA GLU B 122 -14.99 -11.91 10.20
C GLU B 122 -14.25 -13.10 10.73
N ALA B 123 -13.27 -12.83 11.56
CA ALA B 123 -12.37 -13.88 12.01
C ALA B 123 -12.26 -13.93 13.51
N ASP B 124 -12.19 -15.14 14.00
CA ASP B 124 -11.93 -15.43 15.40
C ASP B 124 -10.87 -16.49 15.54
N GLY B 125 -10.61 -16.90 16.79
CA GLY B 125 -9.75 -18.02 17.10
C GLY B 125 -8.38 -17.84 16.43
N LEU B 126 -7.96 -18.92 15.81
CA LEU B 126 -6.65 -19.06 15.27
C LEU B 126 -6.48 -18.14 14.07
N LEU B 127 -7.56 -17.97 13.30
CA LEU B 127 -7.55 -17.06 12.13
C LEU B 127 -7.21 -15.62 12.50
N ALA B 128 -7.88 -15.09 13.53
CA ALA B 128 -7.59 -13.75 13.99
C ALA B 128 -6.19 -13.60 14.50
N VAL B 129 -5.70 -14.63 15.19
CA VAL B 129 -4.34 -14.59 15.73
C VAL B 129 -3.41 -14.51 14.51
N CYS B 130 -3.63 -15.39 13.54
CA CYS B 130 -2.64 -15.56 12.46
C CYS B 130 -2.63 -14.41 11.47
N ILE B 131 -3.83 -13.88 11.13
CA ILE B 131 -3.93 -12.74 10.23
C ILE B 131 -3.29 -11.47 10.87
N GLN B 132 -3.43 -11.29 12.18
CA GLN B 132 -2.76 -10.15 12.85
C GLN B 132 -1.24 -10.24 12.88
N HIS B 133 -0.74 -11.43 13.14
CA HIS B 133 0.70 -11.78 13.08
C HIS B 133 1.22 -11.52 11.65
N GLU B 134 0.53 -12.06 10.64
CA GLU B 134 0.99 -11.85 9.27
C GLU B 134 0.87 -10.42 8.78
N MET B 135 -0.21 -9.73 9.15
CA MET B 135 -0.30 -8.28 8.86
C MET B 135 0.88 -7.51 9.49
N ASP B 136 1.24 -7.86 10.72
CA ASP B 136 2.41 -7.24 11.36
C ASP B 136 3.70 -7.33 10.52
N HIS B 137 3.98 -8.48 9.89
CA HIS B 137 5.12 -8.60 8.93
C HIS B 137 5.16 -7.57 7.81
N LEU B 138 3.94 -7.29 7.29
CA LEU B 138 3.68 -6.32 6.30
C LEU B 138 4.00 -4.86 6.73
N ASN B 139 3.99 -4.61 8.01
CA ASN B 139 4.34 -3.34 8.57
C ASN B 139 5.73 -3.41 9.25
N GLY B 140 6.51 -4.43 8.91
CA GLY B 140 7.86 -4.61 9.39
C GLY B 140 7.97 -5.02 10.84
N LYS B 141 6.92 -5.66 11.39
CA LYS B 141 6.90 -6.04 12.80
C LYS B 141 6.94 -7.54 13.00
N LEU B 142 7.69 -7.97 14.03
CA LEU B 142 7.70 -9.35 14.41
C LEU B 142 7.08 -9.53 15.76
N PHE B 143 6.69 -10.76 16.06
CA PHE B 143 5.99 -11.08 17.30
C PHE B 143 6.89 -10.92 18.54
N VAL B 144 8.21 -11.06 18.33
CA VAL B 144 9.21 -10.76 19.34
C VAL B 144 9.24 -9.30 19.81
N ASP B 145 8.69 -8.38 19.00
CA ASP B 145 8.57 -6.95 19.39
C ASP B 145 7.62 -6.66 20.59
N TYR B 146 6.70 -7.59 20.86
CA TYR B 146 5.81 -7.59 21.99
C TYR B 146 6.37 -8.34 23.25
N LEU B 147 7.62 -8.86 23.21
CA LEU B 147 8.24 -9.51 24.39
C LEU B 147 9.19 -8.53 25.09
N SER B 148 9.55 -8.86 26.34
CA SER B 148 10.51 -8.07 27.10
C SER B 148 11.80 -8.11 26.29
N PRO B 149 12.65 -7.08 26.39
CA PRO B 149 13.86 -7.06 25.56
C PRO B 149 14.91 -8.15 25.95
N LEU B 150 14.76 -8.78 27.12
CA LEU B 150 15.61 -9.94 27.49
C LEU B 150 15.14 -11.21 26.77
N LYS B 151 13.84 -11.35 26.59
CA LYS B 151 13.29 -12.44 25.74
C LYS B 151 13.68 -12.25 24.24
N ARG B 152 13.69 -10.99 23.81
CA ARG B 152 14.06 -10.62 22.45
C ARG B 152 15.49 -11.03 22.19
N GLN B 153 16.38 -10.58 23.06
CA GLN B 153 17.84 -10.88 23.00
C GLN B 153 18.24 -12.37 22.99
N ARG B 154 17.56 -13.13 23.85
CA ARG B 154 17.71 -14.57 23.97
C ARG B 154 17.20 -15.27 22.74
N ALA B 155 16.04 -14.82 22.25
CA ALA B 155 15.53 -15.28 20.97
C ALA B 155 16.57 -15.09 19.82
N ARG B 156 17.10 -13.87 19.66
CA ARG B 156 18.17 -13.54 18.74
C ARG B 156 19.45 -14.41 18.83
N GLU B 157 19.95 -14.61 20.04
CA GLU B 157 21.09 -15.48 20.28
C GLU B 157 20.77 -16.92 19.93
N LYS B 158 19.60 -17.40 20.33
CA LYS B 158 19.16 -18.73 19.96
C LYS B 158 18.99 -18.89 18.42
N VAL B 159 18.24 -17.99 17.80
CA VAL B 159 18.06 -18.03 16.35
C VAL B 159 19.42 -17.99 15.60
N GLU B 160 20.37 -17.19 16.03
CA GLU B 160 21.67 -17.17 15.30
C GLU B 160 22.34 -18.55 15.39
N LYS B 161 22.18 -19.19 16.54
CA LYS B 161 22.62 -20.58 16.72
C LYS B 161 21.92 -21.60 15.80
N ILE B 162 20.60 -21.48 15.71
CA ILE B 162 19.81 -22.34 14.85
C ILE B 162 20.21 -22.16 13.41
N VAL B 163 20.44 -20.93 12.98
CA VAL B 163 20.77 -20.68 11.58
C VAL B 163 22.16 -21.24 11.24
N ARG B 164 23.09 -21.05 12.14
CA ARG B 164 24.43 -21.60 11.95
C ARG B 164 24.40 -23.12 11.83
N GLN B 165 23.58 -23.78 12.66
CA GLN B 165 23.42 -25.24 12.59
C GLN B 165 22.78 -25.66 11.31
N ARG B 166 21.83 -24.87 10.84
CA ARG B 166 21.17 -25.18 9.55
C ARG B 166 22.22 -25.06 8.39
N GLU B 167 23.09 -24.09 8.47
CA GLU B 167 24.19 -23.96 7.48
C GLU B 167 25.14 -25.14 7.53
N ARG B 168 25.56 -25.49 8.73
CA ARG B 168 26.36 -26.65 8.97
C ARG B 168 25.75 -28.01 8.46
N GLU B 169 24.46 -28.18 8.66
CA GLU B 169 23.72 -29.34 8.15
C GLU B 169 23.71 -29.42 6.62
N LYS B 170 23.78 -28.28 5.96
CA LYS B 170 24.16 -28.23 4.55
C LYS B 170 25.60 -28.69 4.21
ZN ZN C . -3.25 12.49 -5.11
O1 K1U D . -0.37 11.05 -6.77
C8 K1U D . -1.66 11.19 -7.10
O2 K1U D . -2.37 12.15 -6.74
C24 K1U D . -1.98 10.20 -8.19
C9 K1U D . -2.75 8.90 -7.97
C1 K1U D . -3.93 8.99 -8.83
C2 K1U D . -5.06 8.06 -8.38
C3 K1U D . -6.33 8.58 -8.30
C4 K1U D . -7.38 7.79 -7.93
C5 K1U D . -7.19 6.45 -7.62
C6 K1U D . -5.93 5.88 -7.68
C7 K1U D . -4.89 6.70 -8.08
C10 K1U D . -1.91 7.69 -8.14
O3 K1U D . -1.12 7.79 -9.05
S1 K1U D . -1.86 6.18 -7.40
C11 K1U D . -1.28 5.01 -8.60
C12 K1U D . -2.10 3.75 -8.79
O4 K1U D . -2.94 3.45 -7.95
C13 K1U D . -1.87 2.90 -10.02
C14 K1U D . -2.91 2.09 -10.52
C15 K1U D . -2.73 1.29 -11.67
C16 K1U D . -1.49 1.30 -12.33
C17 K1U D . -0.44 2.10 -11.84
C18 K1U D . -0.62 2.90 -10.69
ZN ZN E . 5.78 -14.58 11.32
O1 K1U F . 6.22 -17.69 9.52
C8 K1U F . 5.18 -17.18 9.96
O2 K1U F . 4.95 -15.83 10.09
C24 K1U F . 4.09 -18.22 10.18
C9 K1U F . 3.76 -18.73 11.57
C1 K1U F . 2.63 -17.90 12.11
C2 K1U F . 2.06 -18.24 13.46
C3 K1U F . 1.13 -17.32 13.88
C4 K1U F . 0.52 -17.50 15.08
C5 K1U F . 0.82 -18.59 15.87
C6 K1U F . 1.74 -19.53 15.50
C7 K1U F . 2.35 -19.34 14.27
C10 K1U F . 3.82 -20.20 11.69
O3 K1U F . 3.23 -20.77 10.81
S1 K1U F . 4.60 -21.15 12.84
C11 K1U F . 4.08 -22.82 12.56
C12 K1U F . 3.33 -23.52 13.67
O4 K1U F . 3.44 -23.12 14.81
C13 K1U F . 2.45 -24.70 13.31
C14 K1U F . 2.74 -25.51 12.18
C15 K1U F . 1.91 -26.60 11.86
C16 K1U F . 0.80 -26.91 12.67
C17 K1U F . 0.52 -26.12 13.81
C18 K1U F . 1.34 -25.02 14.12
#